data_1C9E
#
_entry.id   1C9E
#
_cell.length_a   49.840
_cell.length_b   58.560
_cell.length_c   98.020
_cell.angle_alpha   90.00
_cell.angle_beta   90.00
_cell.angle_gamma   90.00
#
_symmetry.space_group_name_H-M   'P 21 21 21'
#
loop_
_entity.id
_entity.type
_entity.pdbx_description
1 polymer 'PROTOHEME FERROLYASE'
2 non-polymer 'MAGNESIUM ION'
3 non-polymer 'N-METHYLMESOPORPHYRIN CONTAINING COPPER'
4 water water
#
_entity_poly.entity_id   1
_entity_poly.type   'polypeptide(L)'
_entity_poly.pdbx_seq_one_letter_code
;KMGLLVMAYGTPYKEEDIERYYTHIRRGRKPEPEMLQDLKDRYEAIGGISPLAQITEQQAHNLEQHLNEIQDEITFKAYI
GLKHIEPFIEDAVAEMHKDGITEAVSIVLAPHFSTFSVQSYNKRAKEEAEKLGGLTITSVESWYDEPKFVTYWVDRVKET
YASMPEDERENAMLIVSAHSLPEKIKEFGDPYPDQLHESAKLIAEGAGVSEYAVGWQSEGNTPDPWLGPDVQDLTRDLFE
QKGYQAFVYVPVGFVADHLEVLYDNDYECKVVTDDIGASYYRPEMPNAKPEFIDALATVVLKKLGR
;
_entity_poly.pdbx_strand_id   A
#
# COMPACT_ATOMS: atom_id res chain seq x y z
N LYS A 1 1.53 26.71 11.18
CA LYS A 1 0.92 25.34 11.26
C LYS A 1 0.53 24.79 9.88
N MET A 2 1.21 23.72 9.49
CA MET A 2 1.03 23.05 8.20
C MET A 2 0.07 21.83 8.29
N GLY A 3 -0.80 21.67 7.29
CA GLY A 3 -1.70 20.54 7.28
C GLY A 3 -0.94 19.34 6.75
N LEU A 4 -1.16 18.17 7.30
CA LEU A 4 -0.52 16.95 6.81
C LEU A 4 -1.65 15.99 6.48
N LEU A 5 -2.11 16.02 5.23
CA LEU A 5 -3.19 15.15 4.76
C LEU A 5 -2.61 13.82 4.32
N VAL A 6 -2.92 12.78 5.09
CA VAL A 6 -2.45 11.42 4.84
C VAL A 6 -3.63 10.65 4.28
N MET A 7 -3.47 10.10 3.08
CA MET A 7 -4.56 9.40 2.45
C MET A 7 -4.28 7.93 2.16
N ALA A 8 -5.38 7.20 2.18
CA ALA A 8 -5.40 5.75 1.93
C ALA A 8 -6.79 5.31 1.48
N TYR A 9 -6.82 4.07 1.00
CA TYR A 9 -8.05 3.42 0.53
C TYR A 9 -9.04 3.28 1.70
N GLY A 10 -8.49 2.79 2.80
CA GLY A 10 -9.24 2.63 4.07
C GLY A 10 -9.81 1.22 4.22
N THR A 11 -9.94 0.85 5.48
CA THR A 11 -10.53 -0.43 5.91
C THR A 11 -11.49 -0.14 7.07
N PRO A 12 -12.62 -0.84 7.20
CA PRO A 12 -13.59 -0.55 8.26
C PRO A 12 -12.94 -0.64 9.63
N TYR A 13 -13.37 0.29 10.49
CA TYR A 13 -12.87 0.40 11.90
C TYR A 13 -13.59 -0.59 12.82
N LYS A 14 -14.78 -0.98 12.40
CA LYS A 14 -15.61 -1.93 13.16
C LYS A 14 -16.16 -3.00 12.23
N GLU A 15 -16.37 -4.19 12.77
CA GLU A 15 -16.88 -5.29 11.97
C GLU A 15 -18.24 -4.94 11.33
N GLU A 16 -19.02 -4.18 12.08
CA GLU A 16 -20.35 -3.77 11.66
C GLU A 16 -20.35 -2.83 10.48
N ASP A 17 -19.20 -2.24 10.21
CA ASP A 17 -19.08 -1.29 9.10
C ASP A 17 -18.64 -1.89 7.77
N ILE A 18 -18.48 -3.21 7.69
CA ILE A 18 -18.04 -3.87 6.47
C ILE A 18 -19.03 -3.74 5.31
N GLU A 19 -20.33 -3.88 5.59
CA GLU A 19 -21.32 -3.76 4.54
C GLU A 19 -21.32 -2.39 3.87
N ARG A 20 -21.27 -1.33 4.68
CA ARG A 20 -21.25 0.03 4.16
C ARG A 20 -19.96 0.25 3.37
N TYR A 21 -18.87 -0.32 3.87
CA TYR A 21 -17.59 -0.23 3.21
C TYR A 21 -17.72 -0.91 1.82
N TYR A 22 -18.29 -2.10 1.80
CA TYR A 22 -18.48 -2.86 0.56
C TYR A 22 -19.39 -2.07 -0.39
N THR A 23 -20.49 -1.54 0.15
CA THR A 23 -21.43 -0.74 -0.63
C THR A 23 -20.74 0.47 -1.26
N HIS A 24 -19.88 1.13 -0.49
CA HIS A 24 -19.17 2.30 -0.97
C HIS A 24 -18.22 1.89 -2.10
N ILE A 25 -17.53 0.77 -1.91
CA ILE A 25 -16.60 0.28 -2.94
C ILE A 25 -17.38 -0.04 -4.21
N ARG A 26 -18.59 -0.56 -4.03
CA ARG A 26 -19.45 -0.90 -5.17
C ARG A 26 -20.22 0.29 -5.74
N ARG A 27 -19.82 1.48 -5.34
CA ARG A 27 -20.45 2.69 -5.85
C ARG A 27 -21.95 2.84 -5.59
N GLY A 28 -22.40 2.45 -4.40
CA GLY A 28 -23.79 2.59 -4.07
C GLY A 28 -24.65 1.33 -4.14
N ARG A 29 -24.07 0.22 -4.47
CA ARG A 29 -24.82 -1.05 -4.54
C ARG A 29 -24.43 -1.94 -3.37
N LYS A 30 -25.43 -2.29 -2.58
CA LYS A 30 -25.25 -3.18 -1.43
C LYS A 30 -24.66 -4.51 -1.90
N PRO A 31 -23.71 -5.13 -1.20
CA PRO A 31 -23.17 -6.41 -1.63
C PRO A 31 -24.23 -7.45 -1.51
N GLU A 32 -24.16 -8.47 -2.37
CA GLU A 32 -25.09 -9.58 -2.25
C GLU A 32 -24.77 -10.27 -0.91
N PRO A 33 -25.68 -11.00 -0.27
CA PRO A 33 -25.38 -11.59 1.02
C PRO A 33 -24.15 -12.48 0.97
N GLU A 34 -24.06 -13.33 -0.04
CA GLU A 34 -22.93 -14.26 -0.16
C GLU A 34 -21.62 -13.51 -0.36
N MET A 35 -21.67 -12.43 -1.13
CA MET A 35 -20.49 -11.62 -1.37
C MET A 35 -20.04 -11.05 -0.04
N LEU A 36 -20.99 -10.44 0.67
CA LEU A 36 -20.73 -9.83 1.94
C LEU A 36 -20.15 -10.84 2.94
N GLN A 37 -20.86 -11.96 3.16
CA GLN A 37 -20.38 -12.97 4.10
C GLN A 37 -18.96 -13.45 3.78
N ASP A 38 -18.65 -13.59 2.50
CA ASP A 38 -17.30 -14.03 2.14
C ASP A 38 -16.21 -13.02 2.54
N LEU A 39 -16.51 -11.72 2.47
CA LEU A 39 -15.51 -10.71 2.85
C LEU A 39 -15.31 -10.78 4.38
N LYS A 40 -16.45 -10.89 5.07
CA LYS A 40 -16.47 -11.01 6.53
C LYS A 40 -15.66 -12.23 6.99
N ASP A 41 -15.73 -13.30 6.18
CA ASP A 41 -15.01 -14.55 6.46
C ASP A 41 -13.51 -14.37 6.31
N ARG A 42 -13.11 -13.58 5.33
CA ARG A 42 -11.70 -13.33 5.09
C ARG A 42 -11.10 -12.50 6.24
N TYR A 43 -11.83 -11.53 6.79
CA TYR A 43 -11.28 -10.73 7.89
C TYR A 43 -11.12 -11.64 9.13
N GLU A 44 -12.12 -12.49 9.38
CA GLU A 44 -12.08 -13.43 10.50
C GLU A 44 -10.85 -14.34 10.34
N ALA A 45 -10.71 -14.87 9.13
CA ALA A 45 -9.62 -15.77 8.83
C ALA A 45 -8.26 -15.19 9.18
N ILE A 46 -8.06 -13.88 8.98
CA ILE A 46 -6.77 -13.25 9.29
C ILE A 46 -6.67 -12.73 10.72
N GLY A 47 -7.65 -13.07 11.55
CA GLY A 47 -7.61 -12.66 12.94
C GLY A 47 -8.63 -11.63 13.39
N GLY A 48 -9.39 -11.08 12.45
CA GLY A 48 -10.37 -10.09 12.84
C GLY A 48 -10.02 -8.75 12.21
N ILE A 49 -11.02 -7.90 12.06
CA ILE A 49 -10.82 -6.61 11.42
C ILE A 49 -10.30 -5.47 12.32
N SER A 50 -10.61 -5.52 13.59
CA SER A 50 -10.26 -4.45 14.55
C SER A 50 -8.81 -3.88 14.41
N PRO A 51 -7.73 -4.69 14.47
CA PRO A 51 -6.36 -4.16 14.45
C PRO A 51 -5.98 -3.37 13.20
N LEU A 52 -6.61 -3.69 12.08
CA LEU A 52 -6.27 -3.11 10.75
C LEU A 52 -6.36 -1.57 10.67
N ALA A 53 -7.54 -1.05 10.87
CA ALA A 53 -7.78 0.41 10.76
C ALA A 53 -6.82 1.20 11.68
N GLN A 54 -6.39 0.55 12.74
CA GLN A 54 -5.53 1.19 13.73
C GLN A 54 -4.09 1.45 13.21
N ILE A 55 -3.59 0.58 12.32
CA ILE A 55 -2.26 0.77 11.72
C ILE A 55 -2.17 2.10 10.93
N THR A 56 -3.17 2.36 10.11
CA THR A 56 -3.22 3.59 9.33
C THR A 56 -3.22 4.78 10.28
N GLU A 57 -3.98 4.68 11.39
CA GLU A 57 -4.07 5.76 12.38
C GLU A 57 -2.72 6.06 13.01
N GLN A 58 -1.98 4.99 13.35
CA GLN A 58 -0.66 5.11 13.96
C GLN A 58 0.40 5.61 12.96
N GLN A 59 0.24 5.25 11.70
CA GLN A 59 1.16 5.68 10.66
C GLN A 59 1.07 7.21 10.56
N ALA A 60 -0.15 7.70 10.54
CA ALA A 60 -0.38 9.14 10.43
C ALA A 60 0.05 9.90 11.70
N HIS A 61 -0.37 9.40 12.86
CA HIS A 61 0.01 10.04 14.12
C HIS A 61 1.52 10.05 14.30
N ASN A 62 2.17 8.90 14.08
CA ASN A 62 3.62 8.84 14.23
C ASN A 62 4.36 9.71 13.22
N LEU A 63 3.85 9.82 12.00
CA LEU A 63 4.51 10.67 11.03
C LEU A 63 4.39 12.12 11.50
N GLU A 64 3.23 12.47 12.04
CA GLU A 64 3.02 13.83 12.53
C GLU A 64 4.03 14.09 13.65
N GLN A 65 4.07 13.18 14.61
CA GLN A 65 4.98 13.27 15.74
C GLN A 65 6.45 13.40 15.33
N HIS A 66 6.90 12.52 14.44
CA HIS A 66 8.29 12.54 14.00
C HIS A 66 8.67 13.80 13.22
N LEU A 67 7.78 14.27 12.37
CA LEU A 67 8.09 15.47 11.60
C LEU A 67 8.24 16.65 12.54
N ASN A 68 7.35 16.73 13.52
CA ASN A 68 7.39 17.84 14.48
C ASN A 68 8.59 17.70 15.44
N GLU A 69 9.19 16.52 15.42
CA GLU A 69 10.33 16.23 16.31
C GLU A 69 11.68 16.51 15.64
N ILE A 70 11.83 16.12 14.38
CA ILE A 70 13.14 16.21 13.68
C ILE A 70 13.51 17.63 13.20
N GLN A 71 12.52 18.49 12.96
CA GLN A 71 12.76 19.89 12.54
C GLN A 71 11.90 20.84 13.37
N ASP A 72 12.36 22.06 13.55
CA ASP A 72 11.66 23.04 14.40
C ASP A 72 11.07 24.22 13.58
N GLU A 73 11.02 24.06 12.28
CA GLU A 73 10.51 25.11 11.39
C GLU A 73 8.97 25.08 11.30
N ILE A 74 8.46 23.91 10.98
CA ILE A 74 7.03 23.71 10.78
C ILE A 74 6.43 22.76 11.82
N THR A 75 5.23 23.14 12.24
CA THR A 75 4.42 22.32 13.14
C THR A 75 3.32 21.70 12.29
N PHE A 76 3.40 20.41 12.13
CA PHE A 76 2.45 19.67 11.32
C PHE A 76 1.30 19.12 12.18
N LYS A 77 0.16 19.03 11.54
CA LYS A 77 -1.06 18.45 12.11
C LYS A 77 -1.66 17.52 11.07
N ALA A 78 -1.68 16.25 11.42
CA ALA A 78 -2.16 15.20 10.54
C ALA A 78 -3.69 15.13 10.52
N TYR A 79 -4.16 14.88 9.32
CA TYR A 79 -5.58 14.68 9.01
C TYR A 79 -5.69 13.50 8.05
N ILE A 80 -6.40 12.48 8.48
CA ILE A 80 -6.56 11.28 7.66
C ILE A 80 -7.81 11.41 6.77
N GLY A 81 -7.57 11.12 5.50
CA GLY A 81 -8.60 11.13 4.46
C GLY A 81 -8.57 9.79 3.75
N LEU A 82 -9.68 9.08 3.84
CA LEU A 82 -9.81 7.75 3.24
C LEU A 82 -10.81 7.76 2.09
N LYS A 83 -10.53 6.92 1.13
CA LYS A 83 -11.32 6.80 -0.09
C LYS A 83 -12.69 6.19 0.18
N HIS A 84 -12.72 5.11 0.95
CA HIS A 84 -13.98 4.43 1.19
C HIS A 84 -14.48 4.34 2.61
N ILE A 85 -13.77 4.99 3.53
CA ILE A 85 -14.14 4.96 4.94
C ILE A 85 -14.13 6.37 5.56
N GLU A 86 -14.96 6.61 6.57
CA GLU A 86 -14.96 7.92 7.17
C GLU A 86 -13.80 7.92 8.15
N PRO A 87 -13.09 9.05 8.27
CA PRO A 87 -13.38 10.29 7.52
C PRO A 87 -12.98 10.24 6.05
N PHE A 88 -13.87 10.67 5.15
CA PHE A 88 -13.54 10.67 3.73
C PHE A 88 -12.57 11.81 3.44
N ILE A 89 -11.89 11.69 2.31
CA ILE A 89 -10.93 12.67 1.84
C ILE A 89 -11.46 14.12 1.90
N GLU A 90 -12.70 14.32 1.47
CA GLU A 90 -13.33 15.65 1.46
C GLU A 90 -13.58 16.13 2.86
N ASP A 91 -14.02 15.19 3.71
CA ASP A 91 -14.30 15.47 5.11
C ASP A 91 -13.03 15.98 5.77
N ALA A 92 -11.90 15.30 5.52
CA ALA A 92 -10.62 15.73 6.10
C ALA A 92 -10.18 17.10 5.59
N VAL A 93 -10.53 17.43 4.35
CA VAL A 93 -10.16 18.72 3.78
C VAL A 93 -11.04 19.78 4.41
N ALA A 94 -12.33 19.46 4.56
CA ALA A 94 -13.29 20.38 5.17
C ALA A 94 -12.87 20.72 6.59
N GLU A 95 -12.38 19.70 7.30
CA GLU A 95 -11.93 19.90 8.67
C GLU A 95 -10.64 20.75 8.77
N MET A 96 -9.71 20.56 7.83
CA MET A 96 -8.47 21.35 7.85
C MET A 96 -8.86 22.80 7.62
N HIS A 97 -9.77 22.99 6.69
CA HIS A 97 -10.27 24.30 6.32
C HIS A 97 -10.95 24.97 7.52
N LYS A 98 -11.85 24.23 8.16
CA LYS A 98 -12.58 24.69 9.34
C LYS A 98 -11.62 25.07 10.45
N ASP A 99 -10.52 24.34 10.53
CA ASP A 99 -9.50 24.58 11.54
C ASP A 99 -8.61 25.78 11.24
N GLY A 100 -8.75 26.37 10.06
CA GLY A 100 -7.93 27.52 9.72
C GLY A 100 -6.62 27.21 9.02
N ILE A 101 -6.42 25.97 8.57
CA ILE A 101 -5.20 25.61 7.87
C ILE A 101 -5.28 26.25 6.47
N THR A 102 -4.22 26.92 6.03
CA THR A 102 -4.23 27.56 4.69
C THR A 102 -3.28 26.83 3.74
N GLU A 103 -2.34 26.11 4.31
CA GLU A 103 -1.36 25.32 3.55
C GLU A 103 -1.30 23.90 4.09
N ALA A 104 -1.25 22.96 3.18
CA ALA A 104 -1.21 21.54 3.54
C ALA A 104 -0.42 20.74 2.51
N VAL A 105 0.24 19.73 3.04
CA VAL A 105 1.01 18.76 2.25
C VAL A 105 0.33 17.41 2.42
N SER A 106 0.16 16.74 1.31
CA SER A 106 -0.50 15.44 1.31
C SER A 106 0.43 14.37 0.76
N ILE A 107 0.17 13.19 1.25
CA ILE A 107 0.88 11.97 0.86
C ILE A 107 -0.09 10.80 0.97
N VAL A 108 0.05 9.90 0.02
CA VAL A 108 -0.78 8.69 -0.04
C VAL A 108 0.04 7.50 0.45
N LEU A 109 -0.61 6.61 1.19
CA LEU A 109 0.06 5.43 1.75
C LEU A 109 0.10 4.29 0.73
N ALA A 110 0.67 4.66 -0.39
CA ALA A 110 0.91 3.82 -1.56
C ALA A 110 2.08 4.46 -2.31
N PRO A 111 3.27 3.85 -2.30
CA PRO A 111 4.46 4.45 -2.90
C PRO A 111 4.40 4.67 -4.40
N HIS A 112 3.67 3.85 -5.11
CA HIS A 112 3.62 3.96 -6.59
C HIS A 112 2.44 4.80 -7.04
N PHE A 113 2.75 5.67 -7.98
CA PHE A 113 1.74 6.54 -8.58
C PHE A 113 0.87 5.72 -9.51
N SER A 114 -0.37 6.12 -9.55
CA SER A 114 -1.39 5.51 -10.39
C SER A 114 -2.56 6.47 -10.46
N THR A 115 -3.26 6.43 -11.54
CA THR A 115 -4.39 7.33 -11.75
C THR A 115 -5.54 6.98 -10.80
N PHE A 116 -5.76 5.69 -10.59
CA PHE A 116 -6.90 5.24 -9.76
C PHE A 116 -6.70 5.44 -8.29
N SER A 117 -5.46 5.34 -7.83
CA SER A 117 -5.21 5.55 -6.42
C SER A 117 -4.67 6.96 -6.16
N VAL A 118 -3.36 7.12 -6.21
CA VAL A 118 -2.80 8.44 -5.93
C VAL A 118 -3.47 9.63 -6.65
N GLN A 119 -3.40 9.68 -7.98
CA GLN A 119 -3.97 10.83 -8.68
C GLN A 119 -5.41 11.15 -8.32
N SER A 120 -6.23 10.13 -8.12
CA SER A 120 -7.63 10.31 -7.75
C SER A 120 -7.83 10.99 -6.40
N TYR A 121 -6.97 10.68 -5.43
CA TYR A 121 -7.06 11.24 -4.08
C TYR A 121 -6.65 12.71 -4.10
N ASN A 122 -5.49 12.96 -4.69
CA ASN A 122 -4.95 14.30 -4.79
C ASN A 122 -5.96 15.25 -5.45
N LYS A 123 -6.57 14.80 -6.54
CA LYS A 123 -7.56 15.57 -7.29
C LYS A 123 -8.78 15.92 -6.45
N ARG A 124 -9.37 14.90 -5.83
CA ARG A 124 -10.53 15.09 -4.97
C ARG A 124 -10.21 16.08 -3.84
N ALA A 125 -8.99 15.99 -3.32
CA ALA A 125 -8.54 16.86 -2.23
C ALA A 125 -8.35 18.28 -2.71
N LYS A 126 -7.66 18.47 -3.83
CA LYS A 126 -7.42 19.81 -4.35
C LYS A 126 -8.70 20.47 -4.84
N GLU A 127 -9.68 19.65 -5.19
CA GLU A 127 -10.94 20.17 -5.68
C GLU A 127 -11.83 20.62 -4.54
N GLU A 128 -11.82 19.88 -3.44
CA GLU A 128 -12.63 20.28 -2.29
C GLU A 128 -12.00 21.52 -1.64
N ALA A 129 -10.68 21.63 -1.75
CA ALA A 129 -9.95 22.74 -1.18
C ALA A 129 -10.26 24.03 -1.94
N GLU A 130 -10.37 23.91 -3.27
CA GLU A 130 -10.66 25.07 -4.10
C GLU A 130 -12.08 25.56 -3.83
N LYS A 131 -13.00 24.61 -3.73
CA LYS A 131 -14.41 24.84 -3.46
C LYS A 131 -14.58 25.57 -2.11
N LEU A 132 -13.77 25.20 -1.13
CA LEU A 132 -13.83 25.82 0.18
C LEU A 132 -13.14 27.16 0.09
N GLY A 133 -11.99 27.18 -0.60
CA GLY A 133 -11.26 28.42 -0.77
C GLY A 133 -10.25 28.73 0.33
N GLY A 134 -9.09 29.27 -0.05
CA GLY A 134 -8.09 29.65 0.93
C GLY A 134 -7.29 28.53 1.57
N LEU A 135 -7.13 27.43 0.85
CA LEU A 135 -6.39 26.28 1.35
C LEU A 135 -5.74 25.61 0.15
N THR A 136 -4.44 25.65 0.10
CA THR A 136 -3.71 25.04 -1.01
C THR A 136 -2.89 23.85 -0.51
N ILE A 137 -3.07 22.76 -1.22
CA ILE A 137 -2.43 21.47 -0.91
C ILE A 137 -1.35 21.13 -1.94
N THR A 138 -0.19 20.81 -1.40
CA THR A 138 0.96 20.34 -2.20
C THR A 138 1.00 18.83 -2.02
N SER A 139 0.76 18.11 -3.08
CA SER A 139 0.63 16.65 -2.99
C SER A 139 1.83 15.87 -3.50
N VAL A 140 2.21 14.91 -2.67
CA VAL A 140 3.24 13.93 -3.02
C VAL A 140 2.56 12.98 -4.00
N GLU A 141 3.26 12.60 -5.05
CA GLU A 141 2.63 11.78 -6.09
C GLU A 141 3.19 10.37 -6.13
N SER A 142 4.45 10.20 -5.74
CA SER A 142 5.04 8.85 -5.70
C SER A 142 6.27 8.94 -4.83
N TRP A 143 6.64 7.83 -4.23
CA TRP A 143 7.81 7.81 -3.36
C TRP A 143 8.44 6.45 -3.22
N TYR A 144 8.21 5.57 -4.20
CA TYR A 144 8.76 4.21 -4.22
C TYR A 144 10.28 4.28 -4.28
N ASP A 145 10.80 5.38 -4.81
CA ASP A 145 12.22 5.56 -4.98
C ASP A 145 12.98 6.34 -3.91
N GLU A 146 12.33 6.67 -2.80
CA GLU A 146 12.98 7.37 -1.68
C GLU A 146 14.01 6.38 -1.10
N PRO A 147 15.31 6.70 -1.25
CA PRO A 147 16.38 5.84 -0.74
C PRO A 147 16.07 5.12 0.57
N LYS A 148 15.48 5.83 1.51
CA LYS A 148 15.17 5.21 2.78
C LYS A 148 14.08 4.15 2.70
N PHE A 149 13.14 4.29 1.77
CA PHE A 149 12.05 3.32 1.65
C PHE A 149 12.62 2.08 0.99
N VAL A 150 13.39 2.29 -0.07
CA VAL A 150 14.06 1.20 -0.78
C VAL A 150 14.94 0.40 0.22
N THR A 151 15.70 1.11 1.04
CA THR A 151 16.56 0.47 2.02
C THR A 151 15.74 -0.34 3.05
N TYR A 152 14.55 0.13 3.40
CA TYR A 152 13.71 -0.64 4.34
C TYR A 152 13.41 -2.03 3.76
N TRP A 153 13.10 -2.10 2.47
CA TRP A 153 12.80 -3.39 1.85
C TRP A 153 14.05 -4.19 1.55
N VAL A 154 15.11 -3.51 1.11
CA VAL A 154 16.38 -4.16 0.87
C VAL A 154 16.86 -4.92 2.13
N ASP A 155 16.91 -4.27 3.28
CA ASP A 155 17.37 -4.95 4.50
C ASP A 155 16.45 -6.11 4.91
N ARG A 156 15.16 -5.93 4.68
CA ARG A 156 14.26 -7.01 5.06
C ARG A 156 14.45 -8.23 4.17
N VAL A 157 14.84 -8.00 2.92
CA VAL A 157 15.06 -9.10 1.96
C VAL A 157 16.40 -9.76 2.26
N LYS A 158 17.41 -8.96 2.54
CA LYS A 158 18.72 -9.51 2.89
C LYS A 158 18.56 -10.43 4.10
N GLU A 159 17.81 -9.96 5.10
CA GLU A 159 17.60 -10.75 6.31
C GLU A 159 16.92 -12.08 6.06
N THR A 160 15.89 -12.05 5.24
CA THR A 160 15.14 -13.25 4.91
C THR A 160 16.02 -14.24 4.13
N TYR A 161 16.85 -13.74 3.21
CA TYR A 161 17.70 -14.65 2.45
C TYR A 161 18.86 -15.23 3.25
N ALA A 162 19.40 -14.45 4.17
CA ALA A 162 20.48 -14.95 4.98
C ALA A 162 19.88 -15.91 6.02
N SER A 163 18.58 -15.80 6.24
CA SER A 163 17.88 -16.63 7.22
C SER A 163 17.32 -17.93 6.69
N MET A 164 17.56 -18.24 5.42
CA MET A 164 17.05 -19.49 4.90
C MET A 164 18.21 -20.50 4.73
N PRO A 165 17.89 -21.81 4.70
CA PRO A 165 18.93 -22.83 4.54
C PRO A 165 19.57 -22.72 3.15
N GLU A 166 20.79 -23.23 3.00
CA GLU A 166 21.51 -23.16 1.71
C GLU A 166 20.79 -23.81 0.53
N ASP A 167 20.06 -24.88 0.82
CA ASP A 167 19.32 -25.61 -0.19
C ASP A 167 18.32 -24.65 -0.85
N GLU A 168 17.82 -23.69 -0.06
CA GLU A 168 16.84 -22.72 -0.56
C GLU A 168 17.46 -21.40 -1.02
N ARG A 169 18.42 -20.92 -0.25
CA ARG A 169 19.09 -19.67 -0.56
C ARG A 169 19.48 -19.54 -2.03
N GLU A 170 20.04 -20.59 -2.61
CA GLU A 170 20.47 -20.51 -4.00
C GLU A 170 19.50 -21.11 -5.02
N ASN A 171 18.26 -21.32 -4.59
CA ASN A 171 17.20 -21.85 -5.46
C ASN A 171 15.89 -21.17 -5.04
N ALA A 172 15.94 -19.86 -4.88
CA ALA A 172 14.78 -19.09 -4.44
C ALA A 172 14.34 -18.06 -5.47
N MET A 173 13.09 -17.63 -5.35
CA MET A 173 12.53 -16.64 -6.25
C MET A 173 11.85 -15.52 -5.47
N LEU A 174 12.27 -14.29 -5.74
CA LEU A 174 11.70 -13.10 -5.10
C LEU A 174 10.56 -12.56 -5.95
N ILE A 175 9.40 -12.36 -5.33
CA ILE A 175 8.27 -11.81 -6.06
C ILE A 175 7.86 -10.47 -5.47
N VAL A 176 8.07 -9.40 -6.25
CA VAL A 176 7.72 -8.03 -5.85
C VAL A 176 6.37 -7.70 -6.46
N SER A 177 5.43 -7.30 -5.63
CA SER A 177 4.11 -7.02 -6.15
C SER A 177 3.43 -5.76 -5.63
N ALA A 178 2.32 -5.40 -6.29
CA ALA A 178 1.49 -4.27 -5.89
C ALA A 178 0.03 -4.62 -6.19
N HIS A 179 -0.89 -3.76 -5.77
CA HIS A 179 -2.29 -4.03 -6.02
C HIS A 179 -2.64 -3.85 -7.49
N SER A 180 -3.27 -4.86 -8.06
CA SER A 180 -3.65 -4.80 -9.47
C SER A 180 -4.70 -3.73 -9.72
N LEU A 181 -4.77 -3.23 -10.96
CA LEU A 181 -5.78 -2.23 -11.35
C LEU A 181 -6.21 -2.62 -12.76
N PRO A 182 -7.38 -2.15 -13.20
CA PRO A 182 -7.88 -2.45 -14.55
C PRO A 182 -6.83 -2.07 -15.60
N GLU A 183 -6.68 -2.90 -16.63
CA GLU A 183 -5.71 -2.63 -17.67
C GLU A 183 -5.93 -1.30 -18.40
N LYS A 184 -7.16 -0.79 -18.32
CA LYS A 184 -7.51 0.44 -19.01
C LYS A 184 -6.92 1.70 -18.41
N ILE A 185 -6.01 1.56 -17.48
CA ILE A 185 -5.39 2.74 -16.92
C ILE A 185 -4.40 3.21 -18.01
N LYS A 186 -4.13 2.33 -18.96
CA LYS A 186 -3.21 2.64 -20.04
C LYS A 186 -3.73 3.79 -20.88
N GLU A 187 -5.04 3.98 -20.87
CA GLU A 187 -5.66 5.05 -21.63
C GLU A 187 -5.23 6.42 -21.15
N PHE A 188 -4.73 6.48 -19.92
CA PHE A 188 -4.28 7.74 -19.30
C PHE A 188 -2.77 7.79 -19.22
N GLY A 189 -2.11 6.78 -19.76
CA GLY A 189 -0.66 6.76 -19.74
C GLY A 189 -0.17 6.61 -18.31
N ASP A 190 -0.91 5.84 -17.52
CA ASP A 190 -0.60 5.60 -16.10
C ASP A 190 0.72 4.83 -15.97
N PRO A 191 1.75 5.49 -15.39
CA PRO A 191 3.09 4.89 -15.21
C PRO A 191 3.17 3.85 -14.09
N TYR A 192 2.03 3.60 -13.43
CA TYR A 192 2.00 2.66 -12.34
C TYR A 192 2.68 1.34 -12.59
N PRO A 193 2.46 0.67 -13.77
CA PRO A 193 3.11 -0.62 -14.01
C PRO A 193 4.64 -0.48 -14.05
N ASP A 194 5.09 0.63 -14.65
CA ASP A 194 6.52 0.91 -14.76
C ASP A 194 7.13 1.18 -13.38
N GLN A 195 6.40 1.87 -12.53
CA GLN A 195 6.91 2.18 -11.19
C GLN A 195 7.08 0.93 -10.34
N LEU A 196 6.21 -0.06 -10.52
CA LEU A 196 6.36 -1.29 -9.74
C LEU A 196 7.57 -2.01 -10.25
N HIS A 197 7.83 -1.90 -11.56
CA HIS A 197 8.98 -2.58 -12.13
C HIS A 197 10.28 -1.94 -11.68
N GLU A 198 10.29 -0.62 -11.59
CA GLU A 198 11.48 0.06 -11.12
C GLU A 198 11.63 -0.25 -9.62
N SER A 199 10.52 -0.22 -8.91
CA SER A 199 10.49 -0.50 -7.48
C SER A 199 11.10 -1.88 -7.22
N ALA A 200 10.74 -2.85 -8.06
CA ALA A 200 11.24 -4.22 -7.96
C ALA A 200 12.73 -4.29 -8.22
N LYS A 201 13.16 -3.65 -9.30
CA LYS A 201 14.56 -3.60 -9.71
C LYS A 201 15.42 -3.00 -8.61
N LEU A 202 14.96 -1.89 -8.04
CA LEU A 202 15.73 -1.23 -6.98
C LEU A 202 15.95 -2.12 -5.76
N ILE A 203 14.90 -2.83 -5.35
CA ILE A 203 14.98 -3.69 -4.18
C ILE A 203 15.83 -4.93 -4.42
N ALA A 204 15.60 -5.62 -5.54
CA ALA A 204 16.39 -6.82 -5.84
C ALA A 204 17.87 -6.49 -5.99
N GLU A 205 18.21 -5.46 -6.74
CA GLU A 205 19.61 -5.10 -6.91
C GLU A 205 20.22 -4.68 -5.57
N GLY A 206 19.44 -3.95 -4.78
CA GLY A 206 19.93 -3.51 -3.49
C GLY A 206 20.23 -4.68 -2.57
N ALA A 207 19.39 -5.71 -2.61
CA ALA A 207 19.55 -6.89 -1.78
C ALA A 207 20.47 -7.90 -2.41
N GLY A 208 20.91 -7.62 -3.63
CA GLY A 208 21.78 -8.56 -4.30
C GLY A 208 21.08 -9.86 -4.61
N VAL A 209 19.78 -9.77 -4.91
CA VAL A 209 19.01 -10.95 -5.26
C VAL A 209 18.92 -10.92 -6.78
N SER A 210 19.46 -11.96 -7.40
CA SER A 210 19.50 -12.06 -8.86
C SER A 210 18.19 -12.48 -9.50
N GLU A 211 17.56 -13.51 -8.95
CA GLU A 211 16.29 -14.03 -9.49
C GLU A 211 15.04 -13.39 -8.85
N TYR A 212 14.30 -12.61 -9.63
CA TYR A 212 13.09 -11.98 -9.12
C TYR A 212 12.12 -11.73 -10.24
N ALA A 213 10.84 -11.62 -9.89
CA ALA A 213 9.79 -11.39 -10.87
C ALA A 213 8.79 -10.39 -10.31
N VAL A 214 8.06 -9.76 -11.22
CA VAL A 214 7.10 -8.75 -10.85
C VAL A 214 5.70 -9.29 -11.05
N GLY A 215 4.86 -9.17 -10.03
CA GLY A 215 3.50 -9.66 -10.15
C GLY A 215 2.48 -8.68 -9.59
N TRP A 216 1.20 -9.02 -9.73
CA TRP A 216 0.11 -8.18 -9.24
C TRP A 216 -0.80 -9.02 -8.36
N GLN A 217 -1.54 -8.36 -7.49
CA GLN A 217 -2.42 -9.14 -6.64
C GLN A 217 -3.68 -8.42 -6.22
N SER A 218 -4.62 -9.22 -5.70
CA SER A 218 -5.86 -8.70 -5.17
C SER A 218 -6.77 -7.98 -6.18
N GLU A 219 -6.64 -8.30 -7.47
CA GLU A 219 -7.50 -7.65 -8.45
C GLU A 219 -8.94 -7.74 -7.99
N GLY A 220 -9.73 -6.71 -8.29
CA GLY A 220 -11.13 -6.71 -7.91
C GLY A 220 -11.92 -7.54 -8.90
N ASN A 221 -13.17 -7.82 -8.58
CA ASN A 221 -13.97 -8.60 -9.51
C ASN A 221 -14.91 -7.76 -10.40
N THR A 222 -14.45 -7.43 -11.61
CA THR A 222 -15.25 -6.66 -12.55
C THR A 222 -15.16 -7.27 -13.94
N PRO A 223 -15.98 -6.76 -14.86
CA PRO A 223 -15.98 -7.26 -16.24
C PRO A 223 -14.68 -6.97 -16.99
N ASP A 224 -13.99 -5.93 -16.55
CA ASP A 224 -12.74 -5.52 -17.17
C ASP A 224 -11.51 -6.34 -16.81
N PRO A 225 -10.54 -6.40 -17.74
CA PRO A 225 -9.30 -7.15 -17.51
C PRO A 225 -8.43 -6.32 -16.57
N TRP A 226 -7.79 -6.97 -15.60
CA TRP A 226 -6.93 -6.26 -14.66
C TRP A 226 -5.46 -6.64 -14.90
N LEU A 227 -4.55 -5.80 -14.44
CA LEU A 227 -3.12 -6.07 -14.60
C LEU A 227 -2.67 -7.46 -14.11
N GLY A 228 -1.93 -8.16 -14.96
CA GLY A 228 -1.44 -9.47 -14.63
C GLY A 228 0.05 -9.59 -14.97
N PRO A 229 0.68 -10.74 -14.67
CA PRO A 229 0.08 -11.89 -14.02
C PRO A 229 -0.11 -11.74 -12.53
N ASP A 230 -1.10 -12.45 -11.98
CA ASP A 230 -1.42 -12.46 -10.56
C ASP A 230 -0.33 -13.27 -9.84
N VAL A 231 0.02 -12.89 -8.59
CA VAL A 231 1.05 -13.62 -7.84
C VAL A 231 0.83 -15.13 -7.72
N GLN A 232 -0.42 -15.58 -7.67
CA GLN A 232 -0.71 -17.00 -7.59
C GLN A 232 -0.22 -17.76 -8.83
N ASP A 233 -0.65 -17.31 -10.01
CA ASP A 233 -0.25 -17.96 -11.24
C ASP A 233 1.23 -17.77 -11.50
N LEU A 234 1.71 -16.54 -11.34
CA LEU A 234 3.12 -16.28 -11.54
C LEU A 234 3.99 -17.28 -10.73
N THR A 235 3.65 -17.49 -9.46
CA THR A 235 4.41 -18.42 -8.62
C THR A 235 4.44 -19.80 -9.26
N ARG A 236 3.29 -20.28 -9.70
CA ARG A 236 3.19 -21.61 -10.32
C ARG A 236 3.97 -21.76 -11.61
N ASP A 237 3.94 -20.73 -12.44
CA ASP A 237 4.65 -20.81 -13.71
C ASP A 237 6.16 -20.82 -13.52
N LEU A 238 6.64 -20.02 -12.58
CA LEU A 238 8.06 -19.98 -12.31
C LEU A 238 8.52 -21.29 -11.66
N PHE A 239 7.63 -21.96 -10.93
CA PHE A 239 8.01 -23.21 -10.30
C PHE A 239 8.11 -24.31 -11.34
N GLU A 240 7.20 -24.31 -12.31
CA GLU A 240 7.21 -25.34 -13.34
C GLU A 240 8.40 -25.08 -14.25
N GLN A 241 8.74 -23.82 -14.42
CA GLN A 241 9.86 -23.40 -15.26
C GLN A 241 11.24 -23.77 -14.68
N LYS A 242 11.48 -23.44 -13.41
CA LYS A 242 12.79 -23.73 -12.81
C LYS A 242 12.79 -24.51 -11.49
N GLY A 243 11.61 -24.86 -10.96
CA GLY A 243 11.53 -25.63 -9.74
C GLY A 243 11.96 -25.00 -8.42
N TYR A 244 11.87 -23.68 -8.33
CA TYR A 244 12.25 -22.93 -7.14
C TYR A 244 11.78 -23.57 -5.83
N GLN A 245 12.68 -23.62 -4.86
CA GLN A 245 12.42 -24.24 -3.57
C GLN A 245 11.93 -23.26 -2.50
N ALA A 246 11.95 -21.98 -2.83
CA ALA A 246 11.49 -20.97 -1.90
C ALA A 246 10.95 -19.75 -2.65
N PHE A 247 9.84 -19.20 -2.15
CA PHE A 247 9.28 -18.00 -2.73
C PHE A 247 9.17 -16.89 -1.67
N VAL A 248 9.83 -15.78 -1.99
CA VAL A 248 9.85 -14.59 -1.11
C VAL A 248 9.02 -13.47 -1.76
N TYR A 249 7.90 -13.21 -1.12
CA TYR A 249 6.94 -12.21 -1.58
C TYR A 249 7.18 -10.87 -0.89
N VAL A 250 7.32 -9.84 -1.72
CA VAL A 250 7.53 -8.45 -1.25
C VAL A 250 6.43 -7.55 -1.80
N PRO A 251 5.23 -7.58 -1.20
CA PRO A 251 4.12 -6.71 -1.60
C PRO A 251 4.45 -5.25 -1.36
N VAL A 252 5.46 -4.75 -2.05
CA VAL A 252 5.96 -3.38 -1.85
C VAL A 252 4.87 -2.30 -2.04
N GLY A 253 3.85 -2.62 -2.80
CA GLY A 253 2.74 -1.67 -3.07
C GLY A 253 1.91 -1.41 -1.81
N PHE A 254 2.04 -2.29 -0.82
CA PHE A 254 1.27 -2.17 0.43
C PHE A 254 2.19 -1.72 1.58
N VAL A 255 1.63 -0.91 2.48
CA VAL A 255 2.40 -0.34 3.60
C VAL A 255 2.03 -0.95 4.96
N ALA A 256 1.02 -1.80 5.00
CA ALA A 256 0.57 -2.34 6.29
C ALA A 256 0.05 -3.77 6.18
N ASP A 257 -0.16 -4.35 7.36
CA ASP A 257 -0.69 -5.70 7.49
C ASP A 257 -2.21 -5.66 7.33
N HIS A 258 -2.64 -5.48 6.10
CA HIS A 258 -4.08 -5.47 5.79
C HIS A 258 -4.46 -6.81 5.16
N LEU A 259 -5.71 -6.90 4.76
CA LEU A 259 -6.29 -8.12 4.19
C LEU A 259 -5.50 -8.60 2.95
N GLU A 260 -5.11 -7.67 2.10
CA GLU A 260 -4.41 -8.01 0.86
C GLU A 260 -3.11 -8.79 1.15
N VAL A 261 -2.46 -8.45 2.23
CA VAL A 261 -1.18 -9.10 2.59
C VAL A 261 -1.39 -10.33 3.47
N LEU A 262 -2.09 -10.15 4.56
CA LEU A 262 -2.32 -11.25 5.50
C LEU A 262 -3.06 -12.40 4.82
N TYR A 263 -4.01 -12.05 3.97
CA TYR A 263 -4.83 -13.07 3.29
C TYR A 263 -4.36 -13.37 1.86
N ASP A 264 -4.29 -12.36 1.03
CA ASP A 264 -3.93 -12.62 -0.38
C ASP A 264 -2.50 -13.16 -0.50
N ASN A 265 -1.63 -12.80 0.43
CA ASN A 265 -0.26 -13.32 0.39
C ASN A 265 -0.13 -14.50 1.35
N ASP A 266 -0.10 -14.19 2.63
CA ASP A 266 0.11 -15.18 3.70
C ASP A 266 -0.78 -16.42 3.53
N TYR A 267 -1.95 -16.26 2.96
CA TYR A 267 -2.83 -17.42 2.78
C TYR A 267 -2.74 -17.97 1.35
N GLU A 268 -3.33 -17.24 0.43
CA GLU A 268 -3.43 -17.67 -0.98
C GLU A 268 -2.07 -18.02 -1.64
N CYS A 269 -1.02 -17.31 -1.29
CA CYS A 269 0.29 -17.57 -1.90
C CYS A 269 0.97 -18.77 -1.22
N LYS A 270 0.68 -18.96 0.04
CA LYS A 270 1.24 -20.09 0.77
C LYS A 270 0.55 -21.37 0.31
N VAL A 271 -0.69 -21.20 -0.12
CA VAL A 271 -1.45 -22.34 -0.64
C VAL A 271 -0.68 -22.93 -1.81
N VAL A 272 -0.24 -22.03 -2.68
CA VAL A 272 0.52 -22.43 -3.86
C VAL A 272 1.89 -22.98 -3.48
N THR A 273 2.55 -22.31 -2.54
CA THR A 273 3.89 -22.77 -2.12
C THR A 273 3.77 -24.12 -1.39
N ASP A 274 2.62 -24.31 -0.75
CA ASP A 274 2.32 -25.57 -0.04
C ASP A 274 1.92 -26.66 -1.02
N ASP A 275 1.11 -26.26 -1.98
CA ASP A 275 0.61 -27.18 -3.01
C ASP A 275 1.78 -27.65 -3.88
N ILE A 276 2.81 -26.86 -3.84
CA ILE A 276 4.05 -27.15 -4.55
C ILE A 276 5.06 -27.53 -3.47
N GLY A 277 6.34 -27.58 -3.76
CA GLY A 277 7.31 -28.02 -2.74
C GLY A 277 8.16 -26.88 -2.16
N ALA A 278 7.71 -25.66 -2.34
CA ALA A 278 8.51 -24.49 -1.90
C ALA A 278 8.06 -23.93 -0.53
N SER A 279 9.02 -23.27 0.10
CA SER A 279 8.83 -22.60 1.41
C SER A 279 8.30 -21.19 1.14
N TYR A 280 7.48 -20.70 2.06
CA TYR A 280 6.84 -19.38 1.95
C TYR A 280 7.49 -18.35 2.87
N TYR A 281 7.87 -17.24 2.26
CA TYR A 281 8.48 -16.09 2.94
C TYR A 281 7.84 -14.81 2.46
N ARG A 282 7.56 -13.97 3.43
CA ARG A 282 6.95 -12.65 3.21
C ARG A 282 7.44 -11.73 4.32
N PRO A 283 8.51 -10.97 4.11
CA PRO A 283 9.04 -10.11 5.14
C PRO A 283 8.02 -9.12 5.68
N GLU A 284 8.30 -8.74 6.92
CA GLU A 284 7.49 -7.81 7.72
C GLU A 284 7.13 -6.55 6.92
N MET A 285 5.86 -6.21 6.91
CA MET A 285 5.38 -5.01 6.21
C MET A 285 5.82 -3.76 7.01
N PRO A 286 5.86 -2.59 6.35
CA PRO A 286 6.28 -1.37 7.03
C PRO A 286 5.45 -1.00 8.26
N ASN A 287 4.14 -1.09 8.13
CA ASN A 287 3.25 -0.69 9.22
C ASN A 287 3.63 0.69 9.78
N ALA A 288 3.74 0.85 11.11
CA ALA A 288 4.08 2.15 11.70
C ALA A 288 5.47 2.20 12.35
N LYS A 289 6.33 1.29 11.91
CA LYS A 289 7.66 1.22 12.44
C LYS A 289 8.43 2.47 12.14
N PRO A 290 9.31 2.89 13.08
CA PRO A 290 10.17 4.09 13.02
C PRO A 290 10.97 4.27 11.73
N GLU A 291 11.54 3.17 11.23
CA GLU A 291 12.32 3.22 10.01
C GLU A 291 11.41 3.64 8.84
N PHE A 292 10.17 3.16 8.85
CA PHE A 292 9.26 3.51 7.78
C PHE A 292 8.75 4.94 7.94
N ILE A 293 8.43 5.31 9.17
CA ILE A 293 7.92 6.63 9.47
C ILE A 293 8.98 7.70 9.17
N ASP A 294 10.26 7.35 9.31
CA ASP A 294 11.31 8.32 9.00
C ASP A 294 11.40 8.51 7.50
N ALA A 295 11.29 7.41 6.77
CA ALA A 295 11.30 7.44 5.30
C ALA A 295 10.19 8.40 4.82
N LEU A 296 8.98 8.23 5.35
CA LEU A 296 7.86 9.07 4.97
C LEU A 296 8.08 10.54 5.34
N ALA A 297 8.73 10.78 6.46
CA ALA A 297 8.97 12.14 6.93
C ALA A 297 9.90 12.81 5.94
N THR A 298 10.92 12.07 5.53
CA THR A 298 11.90 12.54 4.54
C THR A 298 11.22 12.83 3.22
N VAL A 299 10.20 12.04 2.88
CA VAL A 299 9.47 12.22 1.64
C VAL A 299 8.72 13.55 1.70
N VAL A 300 8.06 13.77 2.82
CA VAL A 300 7.29 14.99 3.04
C VAL A 300 8.19 16.20 3.06
N LEU A 301 9.33 16.11 3.77
CA LEU A 301 10.20 17.27 3.85
C LEU A 301 10.80 17.62 2.50
N LYS A 302 11.24 16.61 1.75
CA LYS A 302 11.79 16.87 0.44
C LYS A 302 10.76 17.62 -0.44
N LYS A 303 9.54 17.10 -0.49
CA LYS A 303 8.48 17.73 -1.25
C LYS A 303 8.36 19.22 -0.92
N LEU A 304 8.66 19.61 0.31
CA LEU A 304 8.54 21.01 0.73
C LEU A 304 9.83 21.82 0.55
N GLY A 305 10.87 21.18 0.01
CA GLY A 305 12.13 21.88 -0.20
C GLY A 305 12.95 21.95 1.08
N ARG A 306 12.63 21.06 2.02
CA ARG A 306 13.32 21.00 3.31
C ARG A 306 14.02 19.65 3.50
#